data_4WVR
#
_entry.id   4WVR
#
_cell.length_a   73.964
_cell.length_b   73.964
_cell.length_c   67.207
_cell.angle_alpha   90.00
_cell.angle_beta   90.00
_cell.angle_gamma   120.00
#
_symmetry.space_group_name_H-M   'P 32'
#
loop_
_entity.id
_entity.type
_entity.pdbx_description
1 polymer 'Down syndrome cell adhesion molecule, isoform AK'
2 water water
#
_entity_poly.entity_id   1
_entity_poly.type   'polypeptide(L)'
_entity_poly.pdbx_seq_one_letter_code
;GASGSVPPSIAPFSFGDDPVNTGENAGVQCMVQKGDVPITIKWTLNSRPIINGEEGITILKLSPKTSVLNIAAVEQDHRG
VFKCIAENKAGSSFTTSELKVN
;
_entity_poly.pdbx_strand_id   A,B,C,D
#
# COMPACT_ATOMS: atom_id res chain seq x y z
N SER A 5 12.56 -15.62 -19.38
CA SER A 5 13.20 -16.86 -18.98
C SER A 5 13.96 -16.72 -17.66
N VAL A 6 13.77 -15.58 -16.98
CA VAL A 6 14.50 -15.31 -15.75
C VAL A 6 13.78 -15.88 -14.53
N PRO A 7 14.44 -16.84 -13.85
CA PRO A 7 13.93 -17.51 -12.65
C PRO A 7 14.07 -16.64 -11.40
N PRO A 8 13.24 -16.88 -10.37
CA PRO A 8 13.26 -16.04 -9.17
C PRO A 8 14.54 -16.21 -8.37
N SER A 9 15.07 -15.11 -7.84
CA SER A 9 16.16 -15.16 -6.87
C SER A 9 15.71 -14.39 -5.63
N ILE A 10 16.09 -14.89 -4.46
CA ILE A 10 15.56 -14.37 -3.20
C ILE A 10 16.65 -13.85 -2.27
N ALA A 11 16.46 -12.65 -1.74
CA ALA A 11 17.33 -12.15 -0.69
C ALA A 11 17.15 -12.98 0.57
N PRO A 12 18.27 -13.40 1.19
CA PRO A 12 18.17 -14.19 2.42
C PRO A 12 17.52 -13.39 3.55
N PHE A 13 16.89 -14.09 4.48
CA PHE A 13 16.33 -13.45 5.66
C PHE A 13 16.70 -14.24 6.91
N SER A 14 16.45 -13.67 8.07
CA SER A 14 16.75 -14.36 9.33
C SER A 14 15.89 -13.88 10.48
N PHE A 15 15.46 -14.81 11.32
CA PHE A 15 14.79 -14.46 12.57
C PHE A 15 15.81 -13.95 13.59
N GLY A 16 17.09 -14.21 13.33
CA GLY A 16 18.14 -13.71 14.18
C GLY A 16 19.09 -14.76 14.71
N ASP A 17 20.15 -14.29 15.37
CA ASP A 17 21.18 -15.14 15.93
C ASP A 17 20.65 -15.96 17.10
N ASP A 18 19.91 -15.29 17.98
CA ASP A 18 19.57 -15.85 19.27
C ASP A 18 18.17 -16.44 19.31
N PRO A 19 17.97 -17.46 20.15
CA PRO A 19 16.65 -18.04 20.39
C PRO A 19 15.66 -16.97 20.87
N VAL A 20 14.40 -17.13 20.48
CA VAL A 20 13.37 -16.14 20.79
C VAL A 20 12.53 -16.63 21.97
N ASN A 21 12.14 -15.71 22.85
CA ASN A 21 11.27 -16.06 23.95
C ASN A 21 9.82 -16.20 23.52
N THR A 22 9.07 -17.03 24.24
CA THR A 22 7.64 -17.19 23.98
C THR A 22 6.92 -15.85 24.18
N GLY A 23 6.04 -15.52 23.24
CA GLY A 23 5.25 -14.31 23.33
C GLY A 23 5.79 -13.16 22.50
N GLU A 24 7.01 -13.32 21.98
CA GLU A 24 7.61 -12.26 21.18
C GLU A 24 6.97 -12.15 19.79
N ASN A 25 7.24 -11.03 19.14
CA ASN A 25 6.71 -10.72 17.82
C ASN A 25 7.83 -10.87 16.79
N ALA A 26 7.77 -11.93 16.00
CA ALA A 26 8.84 -12.24 15.05
C ALA A 26 8.32 -12.28 13.63
N GLY A 27 9.21 -12.04 12.67
CA GLY A 27 8.81 -12.04 11.28
C GLY A 27 9.95 -11.88 10.31
N VAL A 28 9.68 -12.16 9.04
CA VAL A 28 10.64 -11.99 7.95
C VAL A 28 9.93 -11.53 6.69
N GLN A 29 10.68 -10.88 5.79
CA GLN A 29 10.18 -10.54 4.47
C GLN A 29 10.89 -11.39 3.44
N CYS A 30 10.13 -12.07 2.60
CA CYS A 30 10.70 -12.79 1.47
C CYS A 30 10.69 -11.86 0.26
N MET A 31 11.86 -11.32 -0.08
CA MET A 31 11.94 -10.33 -1.14
C MET A 31 12.67 -10.89 -2.35
N VAL A 32 11.91 -11.15 -3.40
CA VAL A 32 12.47 -11.62 -4.66
C VAL A 32 13.23 -10.50 -5.35
N GLN A 33 14.43 -10.80 -5.83
CA GLN A 33 15.22 -9.80 -6.54
C GLN A 33 15.05 -9.97 -8.05
N LYS A 34 15.85 -10.85 -8.64
CA LYS A 34 15.70 -11.19 -10.05
C LYS A 34 14.50 -12.10 -10.24
N GLY A 35 13.88 -12.02 -11.42
CA GLY A 35 12.79 -12.93 -11.77
C GLY A 35 11.65 -12.24 -12.50
N ASP A 36 11.12 -12.90 -13.53
CA ASP A 36 10.00 -12.36 -14.28
C ASP A 36 8.68 -12.58 -13.55
N VAL A 37 7.83 -11.57 -13.57
CA VAL A 37 6.49 -11.67 -13.02
C VAL A 37 5.55 -12.31 -14.04
N PRO A 38 4.48 -12.99 -13.57
CA PRO A 38 4.07 -13.19 -12.18
C PRO A 38 4.89 -14.24 -11.43
N ILE A 39 5.01 -14.06 -10.12
CA ILE A 39 5.76 -14.99 -9.29
C ILE A 39 4.89 -15.46 -8.14
N THR A 40 4.82 -16.78 -7.95
CA THR A 40 4.10 -17.35 -6.83
C THR A 40 5.03 -17.49 -5.64
N ILE A 41 4.62 -16.98 -4.49
CA ILE A 41 5.45 -17.04 -3.29
C ILE A 41 4.71 -17.73 -2.15
N LYS A 42 5.25 -18.85 -1.70
CA LYS A 42 4.60 -19.63 -0.67
C LYS A 42 5.59 -20.03 0.43
N TRP A 43 5.04 -20.47 1.56
CA TRP A 43 5.85 -20.76 2.74
C TRP A 43 5.64 -22.18 3.24
N THR A 44 6.70 -22.74 3.84
CA THR A 44 6.58 -23.99 4.58
C THR A 44 7.24 -23.86 5.95
N LEU A 45 6.72 -24.61 6.91
CA LEU A 45 7.34 -24.73 8.22
C LEU A 45 7.64 -26.20 8.47
N ASN A 46 8.93 -26.55 8.48
CA ASN A 46 9.35 -27.94 8.56
C ASN A 46 8.69 -28.77 7.45
N SER A 47 8.81 -28.25 6.23
CA SER A 47 8.38 -28.92 5.00
C SER A 47 6.87 -28.99 4.78
N ARG A 48 6.08 -28.62 5.78
CA ARG A 48 4.62 -28.61 5.59
C ARG A 48 4.12 -27.20 5.28
N PRO A 49 3.27 -27.07 4.25
CA PRO A 49 2.78 -25.78 3.76
C PRO A 49 2.06 -24.96 4.80
N ILE A 50 2.27 -23.64 4.77
CA ILE A 50 1.58 -22.73 5.66
C ILE A 50 0.66 -21.82 4.87
N ILE A 51 -0.54 -21.60 5.38
CA ILE A 51 -1.43 -20.60 4.81
C ILE A 51 -1.66 -19.50 5.84
N ASN A 52 -2.11 -18.35 5.38
CA ASN A 52 -2.37 -17.20 6.23
C ASN A 52 -3.26 -17.56 7.42
N GLY A 53 -2.77 -17.32 8.63
CA GLY A 53 -3.50 -17.59 9.85
C GLY A 53 -3.21 -18.92 10.50
N GLU A 54 -2.65 -19.85 9.73
CA GLU A 54 -2.38 -21.21 10.23
C GLU A 54 -1.34 -21.21 11.35
N GLU A 55 -1.68 -21.88 12.45
CA GLU A 55 -0.84 -21.91 13.65
C GLU A 55 -0.51 -20.50 14.14
N GLY A 56 -1.42 -19.56 13.89
CA GLY A 56 -1.24 -18.19 14.30
C GLY A 56 -0.14 -17.46 13.55
N ILE A 57 0.13 -17.92 12.32
CA ILE A 57 1.14 -17.30 11.47
C ILE A 57 0.52 -16.45 10.37
N THR A 58 0.86 -15.17 10.34
CA THR A 58 0.36 -14.27 9.30
C THR A 58 1.24 -14.35 8.05
N ILE A 59 0.59 -14.48 6.89
CA ILE A 59 1.28 -14.48 5.61
C ILE A 59 0.57 -13.53 4.65
N LEU A 60 1.31 -12.60 4.06
CA LEU A 60 0.71 -11.63 3.15
C LEU A 60 1.60 -11.33 1.95
N LYS A 61 1.02 -11.47 0.75
CA LYS A 61 1.71 -11.03 -0.45
C LYS A 61 1.64 -9.51 -0.56
N LEU A 62 2.76 -8.86 -0.25
CA LEU A 62 2.80 -7.41 -0.13
C LEU A 62 2.88 -6.73 -1.50
N SER A 63 3.49 -7.42 -2.45
CA SER A 63 3.71 -6.87 -3.78
C SER A 63 3.92 -8.03 -4.74
N PRO A 64 4.07 -7.77 -6.05
CA PRO A 64 4.34 -8.91 -6.94
C PRO A 64 5.65 -9.64 -6.64
N LYS A 65 6.54 -9.05 -5.86
CA LYS A 65 7.83 -9.68 -5.58
C LYS A 65 8.19 -9.76 -4.10
N THR A 66 7.21 -9.58 -3.22
CA THR A 66 7.49 -9.62 -1.79
C THR A 66 6.36 -10.27 -1.00
N SER A 67 6.73 -11.22 -0.14
CA SER A 67 5.76 -11.81 0.78
C SER A 67 6.27 -11.65 2.21
N VAL A 68 5.36 -11.27 3.11
CA VAL A 68 5.71 -11.01 4.51
C VAL A 68 5.13 -12.06 5.45
N LEU A 69 5.98 -12.61 6.31
CA LEU A 69 5.53 -13.56 7.31
C LEU A 69 5.67 -12.92 8.69
N ASN A 70 4.62 -13.04 9.51
CA ASN A 70 4.64 -12.52 10.86
C ASN A 70 4.07 -13.51 11.86
N ILE A 71 4.76 -13.66 12.98
CA ILE A 71 4.24 -14.46 14.08
C ILE A 71 3.99 -13.52 15.25
N ALA A 72 2.72 -13.12 15.40
CA ALA A 72 2.34 -12.08 16.35
C ALA A 72 2.72 -12.42 17.78
N ALA A 73 2.55 -13.68 18.17
CA ALA A 73 2.92 -14.17 19.49
C ALA A 73 3.59 -15.53 19.38
N VAL A 74 4.91 -15.55 19.44
CA VAL A 74 5.68 -16.77 19.26
C VAL A 74 5.43 -17.78 20.39
N GLU A 75 5.08 -19.00 20.01
CA GLU A 75 5.01 -20.12 20.94
C GLU A 75 6.07 -21.15 20.55
N GLN A 76 6.27 -22.16 21.40
CA GLN A 76 7.27 -23.18 21.11
C GLN A 76 6.86 -24.03 19.92
N ASP A 77 5.56 -24.04 19.61
CA ASP A 77 5.04 -24.74 18.44
C ASP A 77 5.58 -24.17 17.12
N HIS A 78 6.10 -22.94 17.17
CA HIS A 78 6.58 -22.27 15.97
C HIS A 78 8.02 -22.62 15.65
N ARG A 79 8.59 -23.49 16.47
CA ARG A 79 9.95 -23.99 16.28
C ARG A 79 10.15 -24.65 14.92
N GLY A 80 11.28 -24.34 14.29
CA GLY A 80 11.67 -25.05 13.08
C GLY A 80 12.11 -24.21 11.91
N VAL A 81 12.18 -24.85 10.75
CA VAL A 81 12.71 -24.22 9.55
C VAL A 81 11.61 -23.57 8.73
N PHE A 82 11.68 -22.26 8.58
CA PHE A 82 10.77 -21.53 7.71
C PHE A 82 11.39 -21.40 6.32
N LYS A 83 10.67 -21.84 5.31
CA LYS A 83 11.16 -21.74 3.96
C LYS A 83 10.23 -20.88 3.11
N CYS A 84 10.82 -19.95 2.38
CA CYS A 84 10.08 -19.20 1.37
C CYS A 84 10.40 -19.75 0.00
N ILE A 85 9.37 -20.09 -0.76
CA ILE A 85 9.55 -20.60 -2.12
C ILE A 85 8.97 -19.64 -3.15
N ALA A 86 9.81 -19.24 -4.10
CA ALA A 86 9.39 -18.34 -5.16
C ALA A 86 9.43 -19.04 -6.51
N GLU A 87 8.31 -19.07 -7.21
CA GLU A 87 8.20 -19.76 -8.49
C GLU A 87 7.59 -18.90 -9.60
N ASN A 88 8.18 -19.00 -10.78
CA ASN A 88 7.54 -18.49 -11.99
C ASN A 88 7.55 -19.57 -13.07
N LYS A 89 7.24 -19.18 -14.30
CA LYS A 89 7.22 -20.15 -15.40
C LYS A 89 8.63 -20.64 -15.72
N ALA A 90 9.62 -19.78 -15.50
CA ALA A 90 11.00 -20.12 -15.79
C ALA A 90 11.54 -21.20 -14.86
N GLY A 91 11.55 -20.93 -13.56
CA GLY A 91 12.05 -21.88 -12.59
C GLY A 91 11.61 -21.55 -11.17
N SER A 92 12.32 -22.11 -10.19
CA SER A 92 12.00 -21.90 -8.79
C SER A 92 13.25 -21.66 -7.96
N SER A 93 13.05 -21.17 -6.73
CA SER A 93 14.15 -20.94 -5.82
C SER A 93 13.60 -20.82 -4.40
N PHE A 94 14.46 -21.04 -3.41
CA PHE A 94 14.03 -20.91 -2.02
C PHE A 94 15.16 -20.45 -1.12
N THR A 95 14.77 -19.94 0.05
CA THR A 95 15.74 -19.56 1.08
C THR A 95 15.08 -19.83 2.42
N THR A 96 15.88 -20.08 3.45
CA THR A 96 15.33 -20.52 4.73
C THR A 96 15.89 -19.75 5.92
N SER A 97 15.27 -19.96 7.07
CA SER A 97 15.81 -19.48 8.34
C SER A 97 15.20 -20.30 9.47
N GLU A 98 16.04 -20.75 10.39
CA GLU A 98 15.53 -21.54 11.50
C GLU A 98 15.13 -20.64 12.65
N LEU A 99 13.89 -20.80 13.10
CA LEU A 99 13.41 -20.11 14.29
C LEU A 99 13.63 -20.98 15.52
N LYS A 100 14.33 -20.43 16.51
CA LYS A 100 14.57 -21.15 17.76
C LYS A 100 13.83 -20.47 18.90
N VAL A 101 13.20 -21.28 19.74
CA VAL A 101 12.41 -20.76 20.85
C VAL A 101 12.91 -21.34 22.18
N ASN A 102 13.14 -20.47 23.15
CA ASN A 102 13.70 -20.87 24.43
C ASN A 102 12.67 -21.57 25.31
N GLY B 4 -12.70 -20.66 -14.68
CA GLY B 4 -11.68 -19.62 -14.75
C GLY B 4 -11.79 -18.78 -16.01
N SER B 5 -13.00 -18.65 -16.52
CA SER B 5 -13.24 -17.89 -17.76
C SER B 5 -14.08 -16.64 -17.52
N VAL B 6 -13.93 -16.02 -16.34
CA VAL B 6 -14.69 -14.83 -16.01
C VAL B 6 -13.98 -13.56 -16.49
N PRO B 7 -14.64 -12.80 -17.38
CA PRO B 7 -14.12 -11.56 -17.95
C PRO B 7 -14.24 -10.38 -16.98
N PRO B 8 -13.40 -9.35 -17.16
CA PRO B 8 -13.41 -8.20 -16.23
C PRO B 8 -14.68 -7.36 -16.35
N SER B 9 -15.21 -6.93 -15.21
CA SER B 9 -16.28 -5.94 -15.18
C SER B 9 -15.82 -4.74 -14.36
N ILE B 10 -16.15 -3.55 -14.82
CA ILE B 10 -15.60 -2.33 -14.22
C ILE B 10 -16.67 -1.43 -13.63
N ALA B 11 -16.45 -0.94 -12.41
CA ALA B 11 -17.31 0.08 -11.84
C ALA B 11 -17.15 1.39 -12.61
N PRO B 12 -18.26 2.04 -12.95
CA PRO B 12 -18.19 3.33 -13.65
C PRO B 12 -17.52 4.39 -12.79
N PHE B 13 -16.85 5.33 -13.43
CA PHE B 13 -16.28 6.47 -12.72
C PHE B 13 -16.64 7.76 -13.44
N SER B 14 -16.42 8.89 -12.79
CA SER B 14 -16.69 10.18 -13.41
C SER B 14 -15.79 11.28 -12.85
N PHE B 15 -15.39 12.21 -13.72
CA PHE B 15 -14.69 13.40 -13.27
C PHE B 15 -15.67 14.41 -12.69
N GLY B 16 -16.96 14.13 -12.85
CA GLY B 16 -18.01 15.05 -12.46
C GLY B 16 -18.73 15.58 -13.68
N ASP B 17 -19.95 16.09 -13.49
CA ASP B 17 -20.74 16.57 -14.63
C ASP B 17 -20.45 18.03 -14.96
N ASP B 18 -19.80 18.73 -14.05
CA ASP B 18 -19.40 20.11 -14.30
C ASP B 18 -17.98 20.19 -14.83
N PRO B 19 -17.73 21.08 -15.80
CA PRO B 19 -16.38 21.32 -16.31
C PRO B 19 -15.45 21.86 -15.23
N VAL B 20 -14.19 21.44 -15.25
CA VAL B 20 -13.22 21.91 -14.28
C VAL B 20 -12.37 23.03 -14.86
N ASN B 21 -11.83 23.87 -13.97
CA ASN B 21 -10.93 24.92 -14.40
C ASN B 21 -9.50 24.42 -14.51
N THR B 22 -8.69 25.12 -15.29
CA THR B 22 -7.28 24.76 -15.41
C THR B 22 -6.59 24.94 -14.06
N GLY B 23 -5.70 24.01 -13.73
CA GLY B 23 -4.99 24.05 -12.46
C GLY B 23 -5.61 23.14 -11.42
N GLU B 24 -6.79 22.62 -11.70
CA GLU B 24 -7.47 21.74 -10.75
C GLU B 24 -6.81 20.37 -10.70
N ASN B 25 -7.04 19.67 -9.59
CA ASN B 25 -6.52 18.34 -9.36
C ASN B 25 -7.64 17.32 -9.57
N ALA B 26 -7.61 16.62 -10.70
CA ALA B 26 -8.68 15.71 -11.07
C ALA B 26 -8.19 14.29 -11.20
N GLY B 27 -9.06 13.33 -10.95
CA GLY B 27 -8.67 11.93 -10.99
C GLY B 27 -9.85 10.98 -10.94
N VAL B 28 -9.59 9.73 -11.31
CA VAL B 28 -10.58 8.66 -11.21
C VAL B 28 -9.89 7.36 -10.84
N GLN B 29 -10.65 6.45 -10.24
CA GLN B 29 -10.16 5.12 -9.91
C GLN B 29 -10.88 4.08 -10.77
N CYS B 30 -10.14 3.31 -11.54
CA CYS B 30 -10.73 2.23 -12.33
C CYS B 30 -10.72 0.95 -11.53
N MET B 31 -11.88 0.56 -11.02
CA MET B 31 -11.95 -0.57 -10.10
C MET B 31 -12.70 -1.76 -10.71
N VAL B 32 -11.95 -2.80 -11.04
CA VAL B 32 -12.51 -4.01 -11.60
C VAL B 32 -13.25 -4.77 -10.52
N GLN B 33 -14.48 -5.19 -10.80
CA GLN B 33 -15.25 -5.95 -9.83
C GLN B 33 -15.07 -7.45 -10.06
N LYS B 34 -15.87 -8.01 -10.94
CA LYS B 34 -15.69 -9.42 -11.31
C LYS B 34 -14.59 -9.57 -12.34
N GLY B 35 -13.98 -10.75 -12.39
CA GLY B 35 -12.92 -11.03 -13.35
C GLY B 35 -11.78 -11.79 -12.74
N ASP B 36 -11.24 -12.75 -13.47
CA ASP B 36 -10.12 -13.55 -12.97
C ASP B 36 -8.78 -12.85 -13.17
N VAL B 37 -7.93 -12.94 -12.15
CA VAL B 37 -6.58 -12.39 -12.23
C VAL B 37 -5.66 -13.39 -12.96
N PRO B 38 -4.61 -12.89 -13.63
CA PRO B 38 -4.18 -11.49 -13.75
C PRO B 38 -5.02 -10.68 -14.73
N ILE B 39 -5.12 -9.38 -14.46
CA ILE B 39 -5.88 -8.47 -15.31
C ILE B 39 -5.02 -7.28 -15.72
N THR B 40 -4.96 -7.03 -17.03
CA THR B 40 -4.25 -5.86 -17.54
C THR B 40 -5.20 -4.67 -17.56
N ILE B 41 -4.78 -3.56 -16.99
CA ILE B 41 -5.61 -2.36 -16.96
C ILE B 41 -4.85 -1.20 -17.59
N LYS B 42 -5.38 -0.68 -18.69
CA LYS B 42 -4.73 0.41 -19.42
C LYS B 42 -5.70 1.55 -19.73
N TRP B 43 -5.15 2.69 -20.13
CA TRP B 43 -5.95 3.89 -20.35
C TRP B 43 -5.75 4.48 -21.74
N THR B 44 -6.80 5.13 -22.23
CA THR B 44 -6.69 5.96 -23.43
C THR B 44 -7.36 7.31 -23.18
N LEU B 45 -6.85 8.34 -23.85
CA LEU B 45 -7.47 9.66 -23.87
C LEU B 45 -7.81 10.01 -25.31
N ASN B 46 -9.09 10.04 -25.65
CA ASN B 46 -9.49 10.24 -27.05
C ASN B 46 -8.83 9.20 -27.94
N SER B 47 -8.92 7.94 -27.52
CA SER B 47 -8.48 6.76 -28.28
C SER B 47 -6.96 6.57 -28.40
N ARG B 48 -6.18 7.56 -27.97
CA ARG B 48 -4.72 7.41 -27.96
C ARG B 48 -4.25 6.92 -26.59
N PRO B 49 -3.43 5.86 -26.56
CA PRO B 49 -2.93 5.26 -25.32
C PRO B 49 -2.17 6.24 -24.43
N ILE B 50 -2.39 6.15 -23.12
CA ILE B 50 -1.64 6.94 -22.15
C ILE B 50 -0.75 6.03 -21.33
N ILE B 51 0.46 6.50 -21.03
CA ILE B 51 1.30 5.83 -20.05
C ILE B 51 1.62 6.80 -18.93
N ASN B 52 2.09 6.27 -17.80
CA ASN B 52 2.38 7.08 -16.62
C ASN B 52 3.28 8.27 -16.93
N GLY B 53 2.76 9.47 -16.67
CA GLY B 53 3.52 10.69 -16.84
C GLY B 53 3.26 11.43 -18.14
N GLU B 54 2.65 10.74 -19.11
CA GLU B 54 2.38 11.34 -20.41
C GLU B 54 1.35 12.46 -20.32
N GLU B 55 1.70 13.61 -20.89
CA GLU B 55 0.85 14.80 -20.85
C GLU B 55 0.54 15.22 -19.42
N GLY B 56 1.44 14.88 -18.50
CA GLY B 56 1.27 15.25 -17.10
C GLY B 56 0.20 14.44 -16.40
N ILE B 57 -0.08 13.25 -16.92
CA ILE B 57 -1.09 12.37 -16.34
C ILE B 57 -0.43 11.23 -15.57
N THR B 58 -0.78 11.09 -14.30
CA THR B 58 -0.27 10.00 -13.48
C THR B 58 -1.14 8.76 -13.63
N ILE B 59 -0.52 7.61 -13.85
CA ILE B 59 -1.24 6.34 -13.94
C ILE B 59 -0.53 5.31 -13.06
N LEU B 60 -1.28 4.67 -12.16
CA LEU B 60 -0.68 3.69 -11.26
C LEU B 60 -1.60 2.49 -11.04
N LYS B 61 -1.07 1.28 -11.24
CA LYS B 61 -1.83 0.10 -10.89
C LYS B 61 -1.71 -0.12 -9.39
N LEU B 62 -2.78 0.19 -8.67
CA LEU B 62 -2.78 0.20 -7.22
C LEU B 62 -2.83 -1.21 -6.62
N SER B 63 -3.53 -2.10 -7.29
CA SER B 63 -3.70 -3.47 -6.83
C SER B 63 -3.89 -4.35 -8.06
N PRO B 64 -4.04 -5.67 -7.87
CA PRO B 64 -4.33 -6.48 -9.08
C PRO B 64 -5.66 -6.17 -9.76
N LYS B 65 -6.51 -5.34 -9.16
CA LYS B 65 -7.80 -5.03 -9.75
C LYS B 65 -8.15 -3.54 -9.77
N THR B 66 -7.18 -2.69 -9.49
CA THR B 66 -7.46 -1.25 -9.44
C THR B 66 -6.32 -0.44 -10.06
N SER B 67 -6.69 0.45 -10.97
CA SER B 67 -5.75 1.42 -11.52
C SER B 67 -6.25 2.83 -11.25
N VAL B 68 -5.36 3.71 -10.80
CA VAL B 68 -5.75 5.07 -10.49
C VAL B 68 -5.12 6.07 -11.47
N LEU B 69 -5.95 6.98 -11.97
CA LEU B 69 -5.47 8.02 -12.88
C LEU B 69 -5.58 9.36 -12.16
N ASN B 70 -4.51 10.15 -12.20
CA ASN B 70 -4.52 11.47 -11.60
C ASN B 70 -3.95 12.52 -12.53
N ILE B 71 -4.63 13.66 -12.60
CA ILE B 71 -4.13 14.81 -13.33
C ILE B 71 -3.85 15.91 -12.33
N ALA B 72 -2.57 16.07 -11.98
CA ALA B 72 -2.17 16.92 -10.87
C ALA B 72 -2.53 18.38 -11.10
N ALA B 73 -2.39 18.83 -12.35
CA ALA B 73 -2.75 20.19 -12.74
C ALA B 73 -3.41 20.19 -14.10
N VAL B 74 -4.74 20.26 -14.11
CA VAL B 74 -5.50 20.15 -15.33
C VAL B 74 -5.25 21.31 -16.29
N GLU B 75 -4.91 20.99 -17.53
N GLU B 75 -4.91 20.98 -17.53
CA GLU B 75 -4.82 21.96 -18.60
CA GLU B 75 -4.81 21.96 -18.61
C GLU B 75 -5.88 21.66 -19.64
C GLU B 75 -5.90 21.67 -19.64
N GLN B 76 -6.11 22.59 -20.56
CA GLN B 76 -7.11 22.41 -21.60
C GLN B 76 -6.75 21.24 -22.52
N ASP B 77 -5.46 20.92 -22.57
CA ASP B 77 -4.98 19.78 -23.34
C ASP B 77 -5.55 18.46 -22.84
N HIS B 78 -5.99 18.43 -21.59
CA HIS B 78 -6.48 17.19 -20.98
C HIS B 78 -7.94 16.93 -21.31
N ARG B 79 -8.55 17.86 -22.04
CA ARG B 79 -9.94 17.76 -22.43
C ARG B 79 -10.18 16.52 -23.31
N GLY B 80 -11.26 15.80 -23.04
CA GLY B 80 -11.61 14.66 -23.87
C GLY B 80 -12.10 13.42 -23.13
N VAL B 81 -12.16 12.32 -23.86
CA VAL B 81 -12.72 11.08 -23.34
C VAL B 81 -11.63 10.17 -22.73
N PHE B 82 -11.73 9.93 -21.44
CA PHE B 82 -10.83 8.98 -20.78
C PHE B 82 -11.46 7.60 -20.74
N LYS B 83 -10.74 6.60 -21.22
CA LYS B 83 -11.24 5.23 -21.18
C LYS B 83 -10.32 4.33 -20.38
N CYS B 84 -10.91 3.53 -19.51
CA CYS B 84 -10.17 2.49 -18.82
C CYS B 84 -10.52 1.14 -19.41
N ILE B 85 -9.50 0.39 -19.84
CA ILE B 85 -9.69 -0.93 -20.41
C ILE B 85 -9.11 -2.00 -19.51
N ALA B 86 -9.93 -2.99 -19.17
CA ALA B 86 -9.49 -4.12 -18.35
C ALA B 86 -9.58 -5.42 -19.12
N GLU B 87 -8.47 -6.15 -19.19
CA GLU B 87 -8.42 -7.39 -19.96
C GLU B 87 -7.78 -8.54 -19.21
N ASN B 88 -8.40 -9.72 -19.31
CA ASN B 88 -7.75 -10.97 -18.92
C ASN B 88 -7.82 -11.95 -20.11
N LYS B 89 -7.57 -13.23 -19.84
CA LYS B 89 -7.60 -14.23 -20.91
C LYS B 89 -9.02 -14.48 -21.39
N ALA B 90 -9.98 -14.36 -20.47
CA ALA B 90 -11.39 -14.58 -20.80
C ALA B 90 -11.92 -13.56 -21.80
N GLY B 91 -11.94 -12.29 -21.42
CA GLY B 91 -12.43 -11.24 -22.29
C GLY B 91 -11.97 -9.85 -21.89
N SER B 92 -12.70 -8.84 -22.38
CA SER B 92 -12.35 -7.45 -22.12
C SER B 92 -13.59 -6.64 -21.79
N SER B 93 -13.36 -5.46 -21.22
CA SER B 93 -14.44 -4.52 -20.94
C SER B 93 -13.84 -3.14 -20.74
N PHE B 94 -14.65 -2.10 -20.88
CA PHE B 94 -14.17 -0.75 -20.68
C PHE B 94 -15.26 0.14 -20.12
N THR B 95 -14.86 1.28 -19.60
CA THR B 95 -15.82 2.28 -19.15
C THR B 95 -15.14 3.64 -19.33
N THR B 96 -15.93 4.68 -19.52
CA THR B 96 -15.37 5.97 -19.89
C THR B 96 -15.92 7.10 -19.05
N SER B 97 -15.26 8.26 -19.14
CA SER B 97 -15.78 9.49 -18.56
C SER B 97 -15.18 10.65 -19.32
N GLU B 98 -16.01 11.64 -19.64
CA GLU B 98 -15.50 12.75 -20.41
C GLU B 98 -15.08 13.87 -19.51
N LEU B 99 -13.85 14.34 -19.70
CA LEU B 99 -13.36 15.48 -18.94
C LEU B 99 -13.57 16.78 -19.70
N LYS B 100 -14.31 17.71 -19.09
CA LYS B 100 -14.50 19.06 -19.63
C LYS B 100 -13.65 20.11 -18.95
N VAL B 101 -13.01 20.94 -19.75
CA VAL B 101 -12.16 22.00 -19.21
C VAL B 101 -12.56 23.38 -19.74
N ASN B 102 -12.71 24.34 -18.81
CA ASN B 102 -13.24 25.66 -19.09
C ASN B 102 -14.45 25.62 -20.02
N GLY C 4 -0.26 35.03 4.06
CA GLY C 4 -0.45 35.08 2.62
C GLY C 4 -0.44 33.71 1.98
N SER C 5 -0.22 32.67 2.77
CA SER C 5 -0.20 31.31 2.26
C SER C 5 -1.62 30.78 2.08
N VAL C 6 -1.79 29.85 1.15
CA VAL C 6 -3.11 29.33 0.79
C VAL C 6 -3.46 28.08 1.61
N PRO C 7 -4.63 28.10 2.27
CA PRO C 7 -5.08 26.94 3.04
C PRO C 7 -5.59 25.84 2.12
N PRO C 8 -5.65 24.60 2.61
CA PRO C 8 -6.06 23.48 1.76
C PRO C 8 -7.55 23.49 1.42
N SER C 9 -7.87 23.07 0.20
CA SER C 9 -9.24 22.81 -0.20
C SER C 9 -9.31 21.42 -0.81
N ILE C 10 -10.43 20.73 -0.61
CA ILE C 10 -10.56 19.33 -1.03
C ILE C 10 -11.76 19.13 -1.94
N ALA C 11 -11.57 18.40 -3.03
CA ALA C 11 -12.69 18.03 -3.90
C ALA C 11 -13.58 17.02 -3.18
N PRO C 12 -14.90 17.11 -3.39
CA PRO C 12 -15.80 16.16 -2.74
C PRO C 12 -15.56 14.73 -3.24
N PHE C 13 -15.74 13.74 -2.38
CA PHE C 13 -15.72 12.36 -2.81
C PHE C 13 -16.91 11.61 -2.23
N SER C 14 -17.23 10.46 -2.79
CA SER C 14 -18.40 9.70 -2.35
C SER C 14 -18.32 8.23 -2.73
N PHE C 15 -18.73 7.35 -1.80
CA PHE C 15 -18.90 5.94 -2.09
C PHE C 15 -20.21 5.68 -2.81
N GLY C 16 -20.98 6.74 -3.00
CA GLY C 16 -22.32 6.62 -3.55
C GLY C 16 -23.33 6.55 -2.41
N ASP C 17 -24.52 7.07 -2.64
CA ASP C 17 -25.53 7.08 -1.58
C ASP C 17 -26.23 5.73 -1.45
N ASP C 18 -25.95 4.84 -2.41
CA ASP C 18 -26.48 3.48 -2.36
C ASP C 18 -25.58 2.58 -1.51
N PRO C 19 -26.18 1.73 -0.68
CA PRO C 19 -25.40 0.74 0.08
C PRO C 19 -24.59 -0.16 -0.83
N VAL C 20 -23.39 -0.54 -0.39
CA VAL C 20 -22.50 -1.39 -1.17
C VAL C 20 -22.63 -2.84 -0.70
N ASN C 21 -22.45 -3.79 -1.60
CA ASN C 21 -22.47 -5.20 -1.23
C ASN C 21 -21.10 -5.71 -0.82
N THR C 22 -21.09 -6.60 0.16
CA THR C 22 -19.87 -7.26 0.60
C THR C 22 -19.14 -7.87 -0.60
N GLY C 23 -17.83 -7.67 -0.66
CA GLY C 23 -17.02 -8.23 -1.72
C GLY C 23 -16.68 -7.24 -2.83
N GLU C 24 -17.40 -6.12 -2.87
CA GLU C 24 -17.15 -5.13 -3.91
C GLU C 24 -15.80 -4.47 -3.75
N ASN C 25 -15.23 -4.05 -4.88
CA ASN C 25 -14.01 -3.26 -4.90
C ASN C 25 -14.38 -1.78 -4.92
N ALA C 26 -14.24 -1.11 -3.78
CA ALA C 26 -14.70 0.28 -3.65
C ALA C 26 -13.55 1.22 -3.31
N GLY C 27 -13.75 2.51 -3.55
CA GLY C 27 -12.71 3.48 -3.26
C GLY C 27 -13.08 4.94 -3.48
N VAL C 28 -12.30 5.80 -2.83
CA VAL C 28 -12.41 7.25 -3.01
C VAL C 28 -11.02 7.85 -3.06
N GLN C 29 -10.94 9.10 -3.48
CA GLN C 29 -9.67 9.81 -3.49
C GLN C 29 -9.81 11.15 -2.78
N CYS C 30 -8.79 11.51 -2.03
CA CYS C 30 -8.75 12.81 -1.39
C CYS C 30 -7.85 13.71 -2.22
N MET C 31 -8.45 14.53 -3.07
CA MET C 31 -7.67 15.37 -3.96
C MET C 31 -7.71 16.82 -3.50
N VAL C 32 -6.58 17.28 -2.98
CA VAL C 32 -6.45 18.66 -2.55
C VAL C 32 -6.35 19.57 -3.76
N GLN C 33 -7.13 20.64 -3.76
CA GLN C 33 -7.14 21.56 -4.89
C GLN C 33 -6.21 22.74 -4.61
N LYS C 34 -6.74 23.78 -3.98
CA LYS C 34 -5.91 24.89 -3.54
C LYS C 34 -5.12 24.48 -2.31
N GLY C 35 -3.96 25.09 -2.10
CA GLY C 35 -3.20 24.84 -0.89
C GLY C 35 -1.70 24.86 -1.09
N ASP C 36 -1.01 25.64 -0.26
CA ASP C 36 0.44 25.68 -0.29
C ASP C 36 1.03 24.43 0.36
N VAL C 37 2.19 24.01 -0.14
CA VAL C 37 2.90 22.87 0.41
C VAL C 37 3.97 23.37 1.39
N PRO C 38 4.41 22.51 2.33
CA PRO C 38 4.01 21.12 2.56
C PRO C 38 2.60 20.95 3.13
N ILE C 39 1.94 19.90 2.69
CA ILE C 39 0.60 19.55 3.14
C ILE C 39 0.63 18.15 3.73
N THR C 40 -0.08 17.94 4.83
CA THR C 40 -0.28 16.60 5.34
C THR C 40 -1.70 16.16 5.02
N ILE C 41 -1.85 14.90 4.62
CA ILE C 41 -3.15 14.30 4.37
C ILE C 41 -3.29 13.06 5.25
N LYS C 42 -4.42 12.92 5.95
CA LYS C 42 -4.66 11.75 6.78
C LYS C 42 -6.13 11.37 6.77
N TRP C 43 -6.42 10.15 7.21
CA TRP C 43 -7.78 9.63 7.18
C TRP C 43 -8.27 9.18 8.56
N THR C 44 -9.58 9.24 8.75
CA THR C 44 -10.21 8.59 9.89
C THR C 44 -11.44 7.85 9.43
N LEU C 45 -11.80 6.80 10.15
CA LEU C 45 -13.04 6.08 9.93
C LEU C 45 -13.77 6.03 11.25
N ASN C 46 -14.97 6.62 11.28
CA ASN C 46 -15.73 6.78 12.51
C ASN C 46 -14.85 7.40 13.60
N SER C 47 -14.09 8.41 13.19
CA SER C 47 -13.18 9.20 14.03
C SER C 47 -11.92 8.46 14.49
N ARG C 48 -11.75 7.21 14.06
CA ARG C 48 -10.52 6.49 14.35
C ARG C 48 -9.53 6.63 13.19
N PRO C 49 -8.28 7.01 13.48
CA PRO C 49 -7.25 7.13 12.45
C PRO C 49 -7.04 5.82 11.70
N ILE C 50 -6.92 5.91 10.38
N ILE C 50 -6.94 5.90 10.38
CA ILE C 50 -6.69 4.74 9.54
CA ILE C 50 -6.65 4.70 9.59
C ILE C 50 -5.49 4.96 8.63
C ILE C 50 -5.48 4.97 8.66
N ILE C 51 -4.55 4.01 8.61
CA ILE C 51 -3.42 4.08 7.69
C ILE C 51 -3.40 2.81 6.84
N ASN C 52 -2.56 2.81 5.82
CA ASN C 52 -2.51 1.70 4.87
C ASN C 52 -2.36 0.34 5.54
N GLY C 53 -3.27 -0.57 5.22
CA GLY C 53 -3.23 -1.91 5.79
C GLY C 53 -4.28 -2.14 6.86
N GLU C 54 -4.63 -1.08 7.58
CA GLU C 54 -5.59 -1.20 8.68
C GLU C 54 -6.96 -1.62 8.20
N GLU C 55 -7.48 -2.70 8.78
CA GLU C 55 -8.79 -3.24 8.46
C GLU C 55 -8.94 -3.60 6.97
N GLY C 56 -7.82 -3.95 6.32
CA GLY C 56 -7.85 -4.32 4.93
C GLY C 56 -8.02 -3.15 3.98
N ILE C 57 -7.87 -1.94 4.51
CA ILE C 57 -8.01 -0.72 3.70
C ILE C 57 -6.66 -0.31 3.10
N THR C 58 -6.65 -0.05 1.79
CA THR C 58 -5.47 0.49 1.13
C THR C 58 -5.50 2.02 1.11
N ILE C 59 -4.43 2.64 1.58
CA ILE C 59 -4.28 4.09 1.53
C ILE C 59 -2.92 4.43 0.95
N LEU C 60 -2.90 5.18 -0.15
CA LEU C 60 -1.64 5.45 -0.84
C LEU C 60 -1.46 6.93 -1.19
N LYS C 61 -0.31 7.48 -0.83
CA LYS C 61 0.03 8.85 -1.16
C LYS C 61 0.53 8.92 -2.60
N LEU C 62 -0.34 9.32 -3.51
CA LEU C 62 -0.03 9.33 -4.93
C LEU C 62 0.79 10.57 -5.33
N SER C 63 0.53 11.68 -4.64
CA SER C 63 1.25 12.92 -4.88
C SER C 63 1.19 13.75 -3.61
N PRO C 64 1.93 14.89 -3.55
CA PRO C 64 1.78 15.75 -2.36
C PRO C 64 0.33 16.18 -2.07
N LYS C 65 -0.53 16.17 -3.09
CA LYS C 65 -1.90 16.65 -2.90
C LYS C 65 -2.97 15.61 -3.18
N THR C 66 -2.58 14.35 -3.32
CA THR C 66 -3.57 13.30 -3.61
C THR C 66 -3.33 12.04 -2.79
N SER C 67 -4.35 11.65 -2.03
CA SER C 67 -4.35 10.37 -1.33
C SER C 67 -5.46 9.50 -1.89
N VAL C 68 -5.09 8.27 -2.26
CA VAL C 68 -6.05 7.33 -2.81
C VAL C 68 -6.44 6.29 -1.77
N LEU C 69 -7.74 6.06 -1.61
CA LEU C 69 -8.21 5.04 -0.69
C LEU C 69 -8.93 3.96 -1.47
N ASN C 70 -8.51 2.71 -1.26
CA ASN C 70 -9.16 1.59 -1.93
C ASN C 70 -9.47 0.47 -0.95
N ILE C 71 -10.70 -0.02 -1.01
CA ILE C 71 -11.09 -1.19 -0.24
C ILE C 71 -11.25 -2.34 -1.21
N ALA C 72 -10.22 -3.20 -1.28
CA ALA C 72 -10.16 -4.25 -2.29
C ALA C 72 -11.36 -5.20 -2.20
N ALA C 73 -11.83 -5.45 -0.99
CA ALA C 73 -13.01 -6.29 -0.79
C ALA C 73 -13.80 -5.79 0.41
N VAL C 74 -14.89 -5.09 0.13
CA VAL C 74 -15.69 -4.44 1.16
C VAL C 74 -16.32 -5.44 2.13
N GLU C 75 -16.17 -5.17 3.42
CA GLU C 75 -16.81 -5.95 4.46
C GLU C 75 -17.72 -5.04 5.29
N GLN C 76 -18.60 -5.63 6.09
CA GLN C 76 -19.50 -4.86 6.94
C GLN C 76 -18.73 -4.09 8.01
N ASP C 77 -17.49 -4.53 8.28
CA ASP C 77 -16.61 -3.84 9.21
C ASP C 77 -16.17 -2.48 8.69
N HIS C 78 -16.36 -2.24 7.39
CA HIS C 78 -15.95 -0.99 6.77
C HIS C 78 -17.05 0.08 6.82
N ARG C 79 -18.21 -0.29 7.34
CA ARG C 79 -19.32 0.65 7.49
C ARG C 79 -18.94 1.89 8.31
N GLY C 80 -19.33 3.07 7.83
CA GLY C 80 -19.15 4.29 8.61
C GLY C 80 -18.70 5.50 7.83
N VAL C 81 -18.32 6.54 8.58
CA VAL C 81 -17.95 7.82 7.99
C VAL C 81 -16.44 7.90 7.76
N PHE C 82 -16.06 7.94 6.48
CA PHE C 82 -14.67 8.16 6.10
C PHE C 82 -14.40 9.64 6.01
N LYS C 83 -13.32 10.10 6.64
CA LYS C 83 -12.97 11.51 6.63
C LYS C 83 -11.53 11.67 6.17
N CYS C 84 -11.33 12.57 5.20
CA CYS C 84 -9.99 12.96 4.80
C CYS C 84 -9.67 14.33 5.36
N ILE C 85 -8.49 14.46 5.98
CA ILE C 85 -8.07 15.69 6.61
C ILE C 85 -6.78 16.21 5.99
N ALA C 86 -6.82 17.45 5.51
CA ALA C 86 -5.66 18.08 4.87
C ALA C 86 -5.23 19.30 5.67
N GLU C 87 -3.94 19.38 5.97
CA GLU C 87 -3.42 20.43 6.85
C GLU C 87 -2.15 21.03 6.29
N ASN C 88 -2.06 22.37 6.28
CA ASN C 88 -0.79 23.04 6.06
C ASN C 88 -0.64 24.22 7.03
N LYS C 89 0.38 25.04 6.82
CA LYS C 89 0.68 26.11 7.77
C LYS C 89 -0.39 27.19 7.80
N ALA C 90 -1.19 27.27 6.75
CA ALA C 90 -2.20 28.34 6.63
C ALA C 90 -3.56 27.92 7.17
N GLY C 91 -3.80 26.61 7.24
CA GLY C 91 -5.08 26.13 7.76
C GLY C 91 -5.30 24.64 7.54
N SER C 92 -6.52 24.20 7.83
CA SER C 92 -6.86 22.79 7.69
C SER C 92 -8.27 22.61 7.16
N SER C 93 -8.50 21.47 6.52
CA SER C 93 -9.82 21.17 5.97
C SER C 93 -10.11 19.68 6.07
N PHE C 94 -11.38 19.33 6.17
CA PHE C 94 -11.77 17.93 5.99
C PHE C 94 -13.06 17.83 5.20
N THR C 95 -13.27 16.67 4.60
CA THR C 95 -14.53 16.35 3.95
C THR C 95 -14.77 14.86 4.13
N THR C 96 -16.04 14.43 3.99
CA THR C 96 -16.42 13.09 4.41
C THR C 96 -17.29 12.38 3.39
N SER C 97 -17.39 11.07 3.55
CA SER C 97 -18.38 10.27 2.83
C SER C 97 -18.72 9.03 3.65
N GLU C 98 -20.01 8.76 3.81
CA GLU C 98 -20.43 7.58 4.56
C GLU C 98 -20.51 6.37 3.64
N LEU C 99 -19.84 5.30 4.04
CA LEU C 99 -19.95 4.02 3.34
C LEU C 99 -21.01 3.16 4.00
N LYS C 100 -22.04 2.79 3.24
CA LYS C 100 -23.06 1.88 3.71
C LYS C 100 -22.87 0.51 3.08
N VAL C 101 -23.02 -0.54 3.88
CA VAL C 101 -22.83 -1.90 3.40
C VAL C 101 -24.06 -2.75 3.69
N ASN C 102 -24.57 -3.42 2.66
CA ASN C 102 -25.81 -4.18 2.78
C ASN C 102 -25.58 -5.50 3.52
N SER D 5 -0.06 -0.87 31.47
CA SER D 5 0.71 0.36 31.46
C SER D 5 2.13 0.10 30.94
N VAL D 6 2.27 -0.84 30.02
CA VAL D 6 3.57 -1.22 29.47
C VAL D 6 3.95 -0.36 28.26
N PRO D 7 5.11 0.30 28.31
CA PRO D 7 5.57 1.13 27.20
C PRO D 7 6.05 0.28 26.02
N PRO D 8 6.11 0.86 24.82
CA PRO D 8 6.50 0.07 23.64
C PRO D 8 7.99 -0.25 23.60
N SER D 9 8.32 -1.45 23.16
CA SER D 9 9.69 -1.82 22.84
C SER D 9 9.72 -2.37 21.42
N ILE D 10 10.81 -2.11 20.69
CA ILE D 10 10.91 -2.48 19.28
C ILE D 10 12.10 -3.38 19.01
N ALA D 11 11.88 -4.43 18.22
CA ALA D 11 12.98 -5.29 17.78
C ALA D 11 13.87 -4.52 16.81
N PRO D 12 15.19 -4.77 16.85
CA PRO D 12 16.09 -4.07 15.92
C PRO D 12 15.81 -4.47 14.48
N PHE D 13 15.99 -3.54 13.55
CA PHE D 13 15.93 -3.89 12.13
C PHE D 13 17.13 -3.27 11.42
N SER D 14 17.42 -3.75 10.22
CA SER D 14 18.59 -3.29 9.49
C SER D 14 18.49 -3.58 7.99
N PHE D 15 18.89 -2.62 7.18
CA PHE D 15 19.02 -2.82 5.74
C PHE D 15 20.32 -3.55 5.42
N GLY D 16 21.11 -3.83 6.46
CA GLY D 16 22.43 -4.39 6.30
C GLY D 16 23.47 -3.28 6.25
N ASP D 17 24.67 -3.58 6.70
CA ASP D 17 25.71 -2.55 6.77
C ASP D 17 26.38 -2.31 5.42
N ASP D 18 26.15 -3.22 4.48
CA ASP D 18 26.68 -3.05 3.12
C ASP D 18 25.72 -2.21 2.28
N PRO D 19 26.27 -1.26 1.51
CA PRO D 19 25.45 -0.43 0.62
C PRO D 19 24.64 -1.25 -0.37
N VAL D 20 23.46 -0.77 -0.71
CA VAL D 20 22.56 -1.49 -1.60
C VAL D 20 22.67 -0.93 -3.02
N ASN D 21 22.51 -1.79 -4.03
CA ASN D 21 22.52 -1.33 -5.41
C ASN D 21 21.13 -0.87 -5.85
N THR D 22 21.11 0.16 -6.70
CA THR D 22 19.89 0.66 -7.29
C THR D 22 19.09 -0.47 -7.95
N GLY D 23 17.78 -0.48 -7.72
CA GLY D 23 16.92 -1.47 -8.33
C GLY D 23 16.62 -2.68 -7.46
N GLU D 24 17.36 -2.82 -6.36
CA GLU D 24 17.14 -3.94 -5.46
C GLU D 24 15.81 -3.84 -4.74
N ASN D 25 15.27 -5.00 -4.36
CA ASN D 25 14.06 -5.07 -3.55
C ASN D 25 14.47 -5.17 -2.08
N ALA D 26 14.33 -4.07 -1.35
CA ALA D 26 14.79 -4.02 0.03
C ALA D 26 13.66 -3.69 0.99
N GLY D 27 13.87 -4.00 2.27
CA GLY D 27 12.84 -3.74 3.26
C GLY D 27 13.21 -4.06 4.69
N VAL D 28 12.45 -3.49 5.62
CA VAL D 28 12.60 -3.75 7.04
C VAL D 28 11.21 -3.84 7.66
N GLN D 29 11.18 -4.28 8.91
CA GLN D 29 9.91 -4.40 9.63
C GLN D 29 10.03 -3.77 11.01
N CYS D 30 9.00 -3.03 11.41
CA CYS D 30 8.99 -2.46 12.75
C CYS D 30 8.06 -3.29 13.62
N MET D 31 8.66 -4.19 14.39
CA MET D 31 7.88 -5.14 15.18
C MET D 31 7.95 -4.78 16.66
N VAL D 32 6.83 -4.28 17.17
CA VAL D 32 6.72 -3.93 18.58
C VAL D 32 6.61 -5.20 19.39
N GLN D 33 7.42 -5.30 20.44
CA GLN D 33 7.44 -6.50 21.27
C GLN D 33 6.49 -6.35 22.44
N LYS D 34 6.94 -5.76 23.53
CA LYS D 34 6.04 -5.47 24.64
C LYS D 34 5.37 -4.11 24.39
N GLY D 35 4.24 -3.88 25.06
CA GLY D 35 3.54 -2.62 24.94
C GLY D 35 2.03 -2.73 24.97
N ASP D 36 1.40 -1.90 25.80
CA ASP D 36 -0.05 -1.79 25.86
C ASP D 36 -0.62 -1.23 24.56
N VAL D 37 -1.78 -1.72 24.16
CA VAL D 37 -2.51 -1.12 23.06
C VAL D 37 -3.57 -0.17 23.63
N PRO D 38 -4.02 0.83 22.84
CA PRO D 38 -3.64 1.14 21.45
C PRO D 38 -2.22 1.70 21.30
N ILE D 39 -1.55 1.30 20.22
CA ILE D 39 -0.23 1.78 19.88
C ILE D 39 -0.28 2.45 18.52
N THR D 40 0.45 3.55 18.36
CA THR D 40 0.65 4.15 17.06
C THR D 40 2.06 3.85 16.57
N ILE D 41 2.18 3.53 15.29
CA ILE D 41 3.48 3.31 14.67
C ILE D 41 3.61 4.24 13.47
N LYS D 42 4.73 4.95 13.38
CA LYS D 42 4.98 5.81 12.24
C LYS D 42 6.44 5.81 11.84
N TRP D 43 6.72 6.37 10.66
CA TRP D 43 8.07 6.32 10.10
C TRP D 43 8.58 7.71 9.72
N THR D 44 9.89 7.89 9.80
CA THR D 44 10.54 9.06 9.23
C THR D 44 11.76 8.61 8.44
N LEU D 45 12.09 9.38 7.41
CA LEU D 45 13.32 9.20 6.66
C LEU D 45 14.08 10.51 6.68
N ASN D 46 15.27 10.49 7.29
CA ASN D 46 16.03 11.71 7.52
C ASN D 46 15.17 12.77 8.22
N SER D 47 14.40 12.31 9.20
CA SER D 47 13.55 13.14 10.07
C SER D 47 12.26 13.66 9.40
N ARG D 48 12.05 13.33 8.13
CA ARG D 48 10.79 13.70 7.48
C ARG D 48 9.82 12.53 7.51
N PRO D 49 8.57 12.78 7.93
CA PRO D 49 7.57 11.71 7.96
C PRO D 49 7.37 11.09 6.59
N ILE D 50 7.30 9.76 6.53
CA ILE D 50 6.98 9.09 5.28
C ILE D 50 5.81 8.15 5.50
N ILE D 51 4.85 8.17 4.58
CA ILE D 51 3.73 7.25 4.64
C ILE D 51 3.66 6.49 3.33
N ASN D 52 2.84 5.44 3.30
CA ASN D 52 2.75 4.55 2.14
C ASN D 52 2.59 5.30 0.83
N GLY D 53 3.46 5.00 -0.13
CA GLY D 53 3.38 5.64 -1.43
C GLY D 53 4.41 6.74 -1.62
N GLU D 54 4.80 7.39 -0.53
CA GLU D 54 5.75 8.50 -0.64
C GLU D 54 7.14 8.02 -1.06
N GLU D 55 7.69 8.68 -2.08
CA GLU D 55 9.00 8.35 -2.62
C GLU D 55 9.11 6.91 -3.10
N GLY D 56 7.96 6.30 -3.40
CA GLY D 56 7.94 4.94 -3.90
C GLY D 56 8.18 3.92 -2.80
N ILE D 57 8.01 4.35 -1.56
CA ILE D 57 8.17 3.46 -0.41
C ILE D 57 6.83 2.86 0.00
N THR D 58 6.78 1.55 0.13
CA THR D 58 5.59 0.86 0.65
C THR D 58 5.66 0.77 2.17
N ILE D 59 4.57 1.17 2.83
CA ILE D 59 4.45 1.05 4.28
C ILE D 59 3.07 0.49 4.59
N LEU D 60 3.03 -0.65 5.28
CA LEU D 60 1.77 -1.33 5.54
C LEU D 60 1.63 -1.79 6.98
N LYS D 61 0.50 -1.44 7.61
CA LYS D 61 0.21 -1.91 8.95
C LYS D 61 -0.33 -3.33 8.90
N LEU D 62 0.54 -4.28 9.24
CA LEU D 62 0.23 -5.70 9.15
C LEU D 62 -0.61 -6.14 10.35
N SER D 63 -0.33 -5.53 11.50
CA SER D 63 -1.05 -5.83 12.74
C SER D 63 -0.93 -4.61 13.65
N PRO D 64 -1.62 -4.60 14.78
CA PRO D 64 -1.44 -3.42 15.65
C PRO D 64 -0.01 -3.23 16.14
N LYS D 65 0.80 -4.29 16.09
CA LYS D 65 2.17 -4.20 16.60
C LYS D 65 3.25 -4.36 15.55
N THR D 66 2.86 -4.43 14.28
CA THR D 66 3.84 -4.63 13.20
C THR D 66 3.60 -3.72 12.00
N SER D 67 4.61 -2.94 11.65
CA SER D 67 4.58 -2.19 10.41
C SER D 67 5.66 -2.70 9.47
N VAL D 68 5.26 -2.96 8.23
CA VAL D 68 6.15 -3.50 7.21
C VAL D 68 6.56 -2.41 6.22
N LEU D 69 7.86 -2.24 6.03
CA LEU D 69 8.36 -1.28 5.05
C LEU D 69 9.06 -2.01 3.92
N ASN D 70 8.64 -1.73 2.70
CA ASN D 70 9.27 -2.33 1.53
C ASN D 70 9.57 -1.29 0.46
N ILE D 71 10.79 -1.31 -0.04
CA ILE D 71 11.18 -0.48 -1.16
C ILE D 71 11.32 -1.39 -2.38
N ALA D 72 10.31 -1.38 -3.24
CA ALA D 72 10.24 -2.32 -4.36
C ALA D 72 11.43 -2.19 -5.30
N ALA D 73 11.89 -0.95 -5.51
CA ALA D 73 13.05 -0.71 -6.36
C ALA D 73 13.85 0.44 -5.79
N VAL D 74 14.93 0.10 -5.08
CA VAL D 74 15.75 1.08 -4.37
C VAL D 74 16.38 2.10 -5.33
N GLU D 75 16.24 3.37 -4.97
CA GLU D 75 16.90 4.47 -5.68
C GLU D 75 17.82 5.23 -4.74
N GLN D 76 18.68 6.07 -5.29
CA GLN D 76 19.59 6.86 -4.47
C GLN D 76 18.83 7.88 -3.62
N ASP D 77 17.61 8.19 -4.02
CA ASP D 77 16.72 9.07 -3.25
C ASP D 77 16.34 8.47 -1.90
N HIS D 78 16.43 7.14 -1.79
CA HIS D 78 16.00 6.44 -0.59
C HIS D 78 17.10 6.39 0.46
N ARG D 79 18.27 6.92 0.10
CA ARG D 79 19.43 6.92 0.98
C ARG D 79 19.15 7.71 2.26
N GLY D 80 19.57 7.16 3.40
CA GLY D 80 19.43 7.86 4.66
C GLY D 80 18.96 7.05 5.85
N VAL D 81 18.60 7.74 6.92
CA VAL D 81 18.24 7.10 8.18
C VAL D 81 16.73 6.88 8.31
N PHE D 82 16.33 5.62 8.28
CA PHE D 82 14.94 5.24 8.49
C PHE D 82 14.69 5.06 9.98
N LYS D 83 13.65 5.70 10.49
CA LYS D 83 13.30 5.60 11.90
C LYS D 83 11.86 5.14 12.05
N CYS D 84 11.66 4.12 12.87
CA CYS D 84 10.33 3.72 13.27
C CYS D 84 10.03 4.21 14.67
N ILE D 85 8.85 4.81 14.84
CA ILE D 85 8.45 5.40 16.11
C ILE D 85 7.15 4.75 16.61
N ALA D 86 7.20 4.20 17.82
CA ALA D 86 6.05 3.52 18.41
C ALA D 86 5.64 4.21 19.71
N GLU D 87 4.37 4.57 19.80
CA GLU D 87 3.88 5.39 20.92
C GLU D 87 2.58 4.83 21.52
N ASN D 88 2.52 4.76 22.84
CA ASN D 88 1.25 4.50 23.52
C ASN D 88 1.11 5.36 24.77
N LYS D 89 0.11 5.04 25.59
CA LYS D 89 -0.20 5.84 26.77
C LYS D 89 0.96 5.90 27.76
N ALA D 90 1.73 4.82 27.83
CA ALA D 90 2.76 4.67 28.85
C ALA D 90 4.12 5.22 28.44
N GLY D 91 4.33 5.39 27.14
CA GLY D 91 5.60 5.91 26.66
C GLY D 91 5.79 5.78 25.16
N SER D 92 7.01 6.07 24.70
CA SER D 92 7.31 6.00 23.28
C SER D 92 8.72 5.47 23.06
N SER D 93 8.95 4.91 21.88
CA SER D 93 10.24 4.35 21.54
C SER D 93 10.52 4.54 20.06
N PHE D 94 11.79 4.66 19.71
CA PHE D 94 12.16 4.59 18.30
C PHE D 94 13.46 3.81 18.12
N THR D 95 13.62 3.25 16.93
CA THR D 95 14.88 2.61 16.53
C THR D 95 15.10 2.90 15.05
N THR D 96 16.36 2.78 14.62
CA THR D 96 16.73 3.27 13.30
C THR D 96 17.59 2.28 12.50
N SER D 97 17.70 2.56 11.20
CA SER D 97 18.64 1.85 10.34
C SER D 97 18.99 2.73 9.15
N GLU D 98 20.28 2.91 8.90
CA GLU D 98 20.70 3.69 7.74
C GLU D 98 20.72 2.84 6.49
N LEU D 99 20.09 3.33 5.44
CA LEU D 99 20.17 2.70 4.13
C LEU D 99 21.24 3.40 3.31
N LYS D 100 22.24 2.64 2.86
CA LYS D 100 23.26 3.18 1.97
C LYS D 100 23.03 2.64 0.55
N VAL D 101 23.16 3.52 -0.44
CA VAL D 101 22.94 3.16 -1.83
C VAL D 101 24.16 3.50 -2.68
N ASN D 102 24.67 2.51 -3.41
CA ASN D 102 25.89 2.69 -4.19
C ASN D 102 25.66 3.57 -5.42
#